data_6U80
#
_entry.id   6U80
#
_cell.length_a   47.265
_cell.length_b   46.812
_cell.length_c   68.797
_cell.angle_alpha   89.210
_cell.angle_beta   87.780
_cell.angle_gamma   75.170
#
_symmetry.space_group_name_H-M   'P 1'
#
loop_
_entity.id
_entity.type
_entity.pdbx_description
1 polymer 'WD repeat-containing protein 5'
2 non-polymer "5-bromo-N-(4-hydroxy[1,1'-biphenyl]-3-yl)-2-methoxybenzene-1-sulfonamide"
3 water water
#
_entity_poly.entity_id   1
_entity_poly.type   'polypeptide(L)'
_entity_poly.pdbx_seq_one_letter_code
;TQSKPTPVKPNYALKFTLAGHTKAVSSVKFSPNGEWLASSSADKLIKIWGAYDGKFEKTISGHKLGISDVAWSSDSNLLV
SASDDKTLKIWDVSSGKCLKTLKGHSNYVFCCNFNPQSNLIVSGSFDESVRIWDVKTGKCLKTLPAHSDPVSAVHFNRDG
SLIVSSSYDGLCRIWDTASGQCLKTLIDDDNPPVSFVKFSPNGKYILAATLDNTLKLWDYSKGKCLKTYTGHKNEKYCIF
ANFSVTGGKWIVSGSEDNLVYIWNLQTKEIVQKLQGHTDVVISTACHPTENIIASAALENDKTIKLWKSDC
;
_entity_poly.pdbx_strand_id   A,B
#
# COMPACT_ATOMS: atom_id res chain seq x y z
N THR A 1 -18.41 20.81 4.08
CA THR A 1 -18.86 19.95 2.98
C THR A 1 -17.70 19.51 2.09
N GLN A 2 -17.39 18.23 2.17
CA GLN A 2 -16.19 17.65 1.59
C GLN A 2 -16.53 16.97 0.27
N SER A 3 -15.79 17.29 -0.77
CA SER A 3 -16.06 16.74 -2.09
C SER A 3 -14.81 16.07 -2.63
N LYS A 4 -15.01 15.16 -3.60
CA LYS A 4 -13.92 14.48 -4.27
C LYS A 4 -13.73 15.08 -5.65
N PRO A 5 -12.55 15.63 -5.96
CA PRO A 5 -12.32 16.15 -7.31
C PRO A 5 -12.14 15.02 -8.29
N THR A 6 -12.69 15.20 -9.49
CA THR A 6 -12.49 14.26 -10.59
C THR A 6 -12.11 15.06 -11.82
N PRO A 7 -10.83 15.34 -12.00
CA PRO A 7 -10.39 16.09 -13.18
C PRO A 7 -10.59 15.30 -14.46
N VAL A 8 -11.07 15.98 -15.50
N VAL A 8 -11.08 16.00 -15.49
CA VAL A 8 -11.23 15.31 -16.78
CA VAL A 8 -11.24 15.39 -16.80
C VAL A 8 -9.87 15.17 -17.46
C VAL A 8 -9.89 15.19 -17.45
N LYS A 9 -8.95 16.09 -17.22
N LYS A 9 -8.96 16.13 -17.23
CA LYS A 9 -7.63 16.04 -17.85
CA LYS A 9 -7.64 16.03 -17.83
C LYS A 9 -6.67 16.85 -17.01
C LYS A 9 -6.67 16.84 -17.00
N PRO A 10 -5.39 16.49 -17.02
CA PRO A 10 -4.38 17.33 -16.38
C PRO A 10 -4.01 18.46 -17.33
N ASN A 11 -3.15 19.36 -16.86
CA ASN A 11 -2.72 20.48 -17.68
C ASN A 11 -1.22 20.65 -17.53
N TYR A 12 -0.50 19.55 -17.72
CA TYR A 12 0.96 19.57 -17.70
C TYR A 12 1.49 20.58 -18.70
N ALA A 13 2.42 21.40 -18.23
CA ALA A 13 3.04 22.45 -19.02
C ALA A 13 4.54 22.44 -18.77
N LEU A 14 5.32 22.74 -19.82
CA LEU A 14 6.76 22.71 -19.72
C LEU A 14 7.28 23.80 -18.77
N LYS A 15 8.10 23.40 -17.81
CA LYS A 15 8.73 24.32 -16.87
C LYS A 15 10.24 24.41 -17.04
N PHE A 16 10.94 23.30 -17.28
CA PHE A 16 12.39 23.33 -17.39
C PHE A 16 12.85 22.31 -18.42
N THR A 17 13.95 22.64 -19.09
CA THR A 17 14.65 21.71 -19.96
C THR A 17 16.06 21.56 -19.42
N LEU A 18 16.48 20.31 -19.28
CA LEU A 18 17.70 19.95 -18.58
C LEU A 18 18.67 19.44 -19.63
N ALA A 19 19.67 20.25 -19.93
CA ALA A 19 20.69 19.89 -20.90
C ALA A 19 21.98 19.48 -20.22
N GLY A 20 22.73 18.60 -20.88
CA GLY A 20 24.03 18.21 -20.37
C GLY A 20 24.51 16.87 -20.88
N HIS A 21 23.60 15.91 -21.04
CA HIS A 21 24.02 14.64 -21.62
C HIS A 21 24.44 14.83 -23.08
N THR A 22 25.43 14.04 -23.49
CA THR A 22 25.99 14.19 -24.83
C THR A 22 25.57 13.09 -25.79
N LYS A 23 24.82 12.10 -25.33
CA LYS A 23 24.22 11.04 -26.14
C LYS A 23 22.78 10.85 -25.65
N ALA A 24 22.07 9.87 -26.23
CA ALA A 24 20.70 9.62 -25.86
C ALA A 24 20.53 9.46 -24.34
N VAL A 25 19.49 10.01 -23.83
CA VAL A 25 19.16 9.71 -22.45
C VAL A 25 18.45 8.36 -22.48
N SER A 26 18.65 7.55 -21.45
CA SER A 26 18.03 6.23 -21.40
C SER A 26 17.00 6.05 -20.32
N SER A 27 17.09 6.79 -19.21
N SER A 27 17.11 6.75 -19.19
CA SER A 27 16.18 6.61 -18.09
CA SER A 27 16.07 6.67 -18.17
C SER A 27 16.19 7.85 -17.20
C SER A 27 16.17 7.86 -17.24
N VAL A 28 15.02 8.20 -16.64
CA VAL A 28 14.92 9.21 -15.61
C VAL A 28 14.12 8.62 -14.48
N LYS A 29 14.49 8.95 -13.24
CA LYS A 29 13.81 8.47 -12.04
C LYS A 29 13.84 9.54 -10.96
N PHE A 30 12.71 9.79 -10.33
CA PHE A 30 12.69 10.66 -9.16
C PHE A 30 13.08 9.91 -7.89
N SER A 31 13.86 10.58 -7.04
CA SER A 31 14.19 9.98 -5.77
C SER A 31 12.94 9.82 -4.91
N PRO A 32 12.87 8.77 -4.08
CA PRO A 32 11.66 8.58 -3.26
C PRO A 32 11.37 9.73 -2.33
N ASN A 33 12.38 10.48 -1.87
CA ASN A 33 12.09 11.62 -1.01
C ASN A 33 11.68 12.86 -1.79
N GLY A 34 11.58 12.76 -3.12
CA GLY A 34 11.09 13.82 -3.96
C GLY A 34 12.06 14.95 -4.22
N GLU A 35 13.29 14.88 -3.75
CA GLU A 35 14.22 16.01 -3.87
C GLU A 35 14.96 16.02 -5.18
N TRP A 36 15.19 14.86 -5.79
CA TRP A 36 16.13 14.74 -6.89
C TRP A 36 15.54 13.96 -8.05
N LEU A 37 16.13 14.20 -9.22
CA LEU A 37 15.90 13.43 -10.42
C LEU A 37 17.25 12.87 -10.84
N ALA A 38 17.32 11.57 -11.07
CA ALA A 38 18.50 10.96 -11.66
C ALA A 38 18.24 10.63 -13.12
N SER A 39 19.25 10.84 -13.96
CA SER A 39 19.18 10.44 -15.36
C SER A 39 20.40 9.59 -15.71
N SER A 40 20.20 8.70 -16.66
CA SER A 40 21.25 7.86 -17.20
C SER A 40 21.28 8.04 -18.72
N SER A 41 22.44 7.74 -19.31
CA SER A 41 22.59 8.02 -20.73
C SER A 41 23.57 7.05 -21.37
N ALA A 42 23.40 6.89 -22.68
CA ALA A 42 24.41 6.23 -23.50
C ALA A 42 25.78 6.91 -23.43
N ASP A 43 25.87 8.14 -22.90
CA ASP A 43 27.17 8.79 -22.72
C ASP A 43 27.94 8.27 -21.51
N LYS A 44 27.51 7.18 -20.87
CA LYS A 44 28.17 6.50 -19.75
C LYS A 44 27.99 7.25 -18.44
N LEU A 45 27.18 8.30 -18.41
CA LEU A 45 27.11 9.15 -17.23
C LEU A 45 25.75 9.05 -16.57
N ILE A 46 25.76 9.28 -15.26
CA ILE A 46 24.54 9.54 -14.50
C ILE A 46 24.58 11.01 -14.12
N LYS A 47 23.46 11.71 -14.23
CA LYS A 47 23.40 13.08 -13.73
C LYS A 47 22.27 13.21 -12.71
N ILE A 48 22.51 14.04 -11.68
CA ILE A 48 21.55 14.34 -10.63
C ILE A 48 21.13 15.81 -10.79
N TRP A 49 19.82 16.05 -10.69
CA TRP A 49 19.16 17.33 -10.91
C TRP A 49 18.15 17.59 -9.80
N GLY A 50 17.97 18.84 -9.46
CA GLY A 50 16.89 19.18 -8.55
C GLY A 50 15.53 18.80 -9.12
N ALA A 51 14.70 18.09 -8.35
CA ALA A 51 13.43 17.61 -8.89
C ALA A 51 12.43 18.72 -9.16
N TYR A 52 12.51 19.83 -8.43
CA TYR A 52 11.52 20.90 -8.52
C TYR A 52 11.95 22.04 -9.45
N ASP A 53 13.25 22.25 -9.63
CA ASP A 53 13.71 23.36 -10.44
C ASP A 53 14.62 22.94 -11.56
N GLY A 54 14.89 21.64 -11.70
CA GLY A 54 15.77 21.13 -12.74
C GLY A 54 17.22 21.52 -12.61
N LYS A 55 17.64 22.04 -11.47
CA LYS A 55 18.98 22.60 -11.34
C LYS A 55 20.04 21.49 -11.30
N PHE A 56 21.01 21.55 -12.19
CA PHE A 56 22.07 20.55 -12.19
C PHE A 56 22.74 20.46 -10.83
N GLU A 57 22.87 19.24 -10.30
CA GLU A 57 23.57 18.99 -9.05
C GLU A 57 24.92 18.32 -9.24
N LYS A 58 24.99 17.20 -9.97
CA LYS A 58 26.28 16.53 -10.13
C LYS A 58 26.23 15.49 -11.25
N THR A 59 27.41 15.11 -11.73
CA THR A 59 27.61 14.00 -12.65
C THR A 59 28.30 12.87 -11.90
N ILE A 60 27.80 11.65 -12.09
CA ILE A 60 28.35 10.46 -11.48
C ILE A 60 28.90 9.58 -12.60
N SER A 61 30.18 9.26 -12.52
CA SER A 61 30.86 8.59 -13.63
C SER A 61 31.60 7.35 -13.14
N GLY A 62 31.83 6.43 -14.08
CA GLY A 62 32.58 5.23 -13.76
C GLY A 62 32.32 4.06 -14.70
N HIS A 63 31.10 3.94 -15.22
CA HIS A 63 30.86 2.90 -16.20
C HIS A 63 31.72 3.10 -17.43
N LYS A 64 32.11 2.00 -18.05
CA LYS A 64 32.97 2.08 -19.21
C LYS A 64 32.21 2.07 -20.52
N LEU A 65 30.92 1.75 -20.50
CA LEU A 65 30.04 1.86 -21.66
C LEU A 65 28.72 2.48 -21.20
N GLY A 66 27.80 2.63 -22.15
CA GLY A 66 26.56 3.34 -21.88
C GLY A 66 25.72 2.65 -20.82
N ILE A 67 24.79 3.44 -20.27
CA ILE A 67 23.91 3.01 -19.19
C ILE A 67 22.48 2.99 -19.72
N SER A 68 21.73 1.93 -19.40
CA SER A 68 20.35 1.77 -19.84
C SER A 68 19.32 2.12 -18.77
N ASP A 69 19.70 2.12 -17.50
CA ASP A 69 18.70 2.25 -16.44
C ASP A 69 19.42 2.62 -15.16
N VAL A 70 18.71 3.37 -14.32
CA VAL A 70 19.21 3.72 -13.00
C VAL A 70 18.01 3.58 -12.08
N ALA A 71 18.27 3.29 -10.80
CA ALA A 71 17.18 3.19 -9.84
C ALA A 71 17.69 3.59 -8.46
N TRP A 72 16.77 4.15 -7.66
CA TRP A 72 17.05 4.65 -6.31
C TRP A 72 16.72 3.64 -5.23
N SER A 73 17.50 3.68 -4.14
CA SER A 73 17.08 2.97 -2.94
C SER A 73 15.98 3.75 -2.23
N SER A 74 15.31 3.07 -1.29
CA SER A 74 14.15 3.65 -0.65
C SER A 74 14.49 4.88 0.18
N ASP A 75 15.69 4.94 0.75
CA ASP A 75 16.07 6.09 1.55
C ASP A 75 16.67 7.20 0.72
N SER A 76 16.68 7.05 -0.60
CA SER A 76 17.18 8.05 -1.53
C SER A 76 18.69 8.25 -1.45
N ASN A 77 19.43 7.38 -0.73
CA ASN A 77 20.85 7.58 -0.55
C ASN A 77 21.70 6.81 -1.56
N LEU A 78 21.15 5.75 -2.13
CA LEU A 78 21.87 4.97 -3.14
C LEU A 78 21.16 4.92 -4.46
N LEU A 79 21.96 4.70 -5.50
CA LEU A 79 21.46 4.53 -6.82
C LEU A 79 22.13 3.25 -7.33
N VAL A 80 21.45 2.53 -8.21
CA VAL A 80 22.05 1.40 -8.92
C VAL A 80 21.88 1.71 -10.41
N SER A 81 22.89 1.35 -11.20
CA SER A 81 22.87 1.59 -12.63
C SER A 81 23.17 0.29 -13.36
N ALA A 82 22.60 0.16 -14.56
CA ALA A 82 22.72 -1.04 -15.39
C ALA A 82 23.41 -0.66 -16.69
N SER A 83 24.52 -1.32 -17.02
CA SER A 83 25.34 -0.83 -18.15
C SER A 83 25.64 -1.89 -19.22
N ASP A 84 25.90 -1.39 -20.43
CA ASP A 84 26.45 -2.20 -21.52
C ASP A 84 27.80 -2.82 -21.17
N ASP A 85 28.49 -2.35 -20.10
CA ASP A 85 29.76 -2.96 -19.72
C ASP A 85 29.58 -4.27 -18.95
N LYS A 86 28.34 -4.74 -18.88
CA LYS A 86 27.91 -6.04 -18.32
C LYS A 86 27.86 -5.98 -16.80
N THR A 87 28.05 -4.81 -16.21
CA THR A 87 27.96 -4.66 -14.77
C THR A 87 26.79 -3.78 -14.36
N LEU A 88 26.43 -3.94 -13.10
CA LEU A 88 25.70 -2.90 -12.40
C LEU A 88 26.65 -2.21 -11.43
N LYS A 89 26.35 -0.95 -11.10
CA LYS A 89 27.13 -0.27 -10.09
C LYS A 89 26.20 0.32 -9.04
N ILE A 90 26.59 0.19 -7.78
CA ILE A 90 25.90 0.83 -6.67
C ILE A 90 26.70 2.06 -6.29
N TRP A 91 26.00 3.21 -6.22
CA TRP A 91 26.57 4.52 -5.99
C TRP A 91 26.02 5.12 -4.70
N ASP A 92 26.91 5.79 -3.96
CA ASP A 92 26.52 6.68 -2.87
C ASP A 92 26.25 8.04 -3.47
N VAL A 93 24.99 8.49 -3.46
CA VAL A 93 24.64 9.69 -4.22
C VAL A 93 25.32 10.92 -3.64
N SER A 94 25.35 11.03 -2.30
CA SER A 94 26.01 12.17 -1.65
C SER A 94 27.45 12.32 -2.11
N SER A 95 28.24 11.24 -2.08
CA SER A 95 29.66 11.34 -2.41
C SER A 95 29.90 11.28 -3.92
N GLY A 96 28.94 10.76 -4.66
CA GLY A 96 29.06 10.47 -6.07
C GLY A 96 29.97 9.32 -6.41
N LYS A 97 30.34 8.49 -5.44
CA LYS A 97 31.31 7.43 -5.66
C LYS A 97 30.66 6.06 -5.75
N CYS A 98 31.32 5.17 -6.50
CA CYS A 98 30.89 3.79 -6.62
C CYS A 98 31.22 3.04 -5.33
N LEU A 99 30.21 2.38 -4.76
CA LEU A 99 30.36 1.52 -3.59
C LEU A 99 30.62 0.08 -3.98
N LYS A 100 29.89 -0.42 -4.98
CA LYS A 100 30.08 -1.80 -5.40
C LYS A 100 29.92 -1.90 -6.91
N THR A 101 30.64 -2.84 -7.52
CA THR A 101 30.37 -3.25 -8.89
C THR A 101 29.86 -4.70 -8.90
N LEU A 102 28.68 -4.89 -9.48
CA LEU A 102 27.98 -6.17 -9.47
C LEU A 102 28.31 -6.88 -10.78
N LYS A 103 29.11 -7.93 -10.66
CA LYS A 103 29.63 -8.67 -11.80
C LYS A 103 29.00 -10.06 -11.86
N GLY A 104 28.60 -10.46 -13.06
CA GLY A 104 27.99 -11.77 -13.24
C GLY A 104 27.30 -11.93 -14.58
N HIS A 105 26.60 -10.88 -15.03
CA HIS A 105 25.95 -10.97 -16.33
C HIS A 105 27.01 -11.12 -17.42
N SER A 106 26.62 -11.77 -18.52
CA SER A 106 27.54 -12.06 -19.62
C SER A 106 27.23 -11.19 -20.83
N ASN A 107 26.33 -10.23 -20.71
CA ASN A 107 26.06 -9.31 -21.81
C ASN A 107 25.46 -8.06 -21.18
N TYR A 108 25.03 -7.11 -22.03
CA TYR A 108 24.46 -5.84 -21.56
C TYR A 108 23.43 -6.05 -20.44
N VAL A 109 23.53 -5.25 -19.38
CA VAL A 109 22.48 -5.19 -18.35
C VAL A 109 21.51 -4.09 -18.74
N PHE A 110 20.24 -4.43 -18.86
CA PHE A 110 19.24 -3.51 -19.42
C PHE A 110 18.37 -2.83 -18.38
N CYS A 111 18.15 -3.45 -17.22
CA CYS A 111 17.13 -2.96 -16.30
C CYS A 111 17.51 -3.34 -14.88
N CYS A 112 17.05 -2.54 -13.92
CA CYS A 112 17.42 -2.76 -12.53
C CYS A 112 16.44 -2.07 -11.60
N ASN A 113 16.36 -2.59 -10.37
CA ASN A 113 15.52 -2.00 -9.34
C ASN A 113 15.97 -2.53 -7.99
N PHE A 114 15.86 -1.67 -6.97
CA PHE A 114 15.95 -2.13 -5.58
C PHE A 114 14.60 -2.70 -5.14
N ASN A 115 14.62 -3.60 -4.14
CA ASN A 115 13.37 -3.91 -3.47
C ASN A 115 13.08 -2.81 -2.45
N PRO A 116 11.84 -2.72 -1.96
CA PRO A 116 11.52 -1.65 -0.99
C PRO A 116 12.40 -1.67 0.24
N GLN A 117 12.71 -2.86 0.77
CA GLN A 117 13.63 -2.90 1.90
C GLN A 117 14.98 -2.33 1.53
N SER A 118 15.38 -2.50 0.25
CA SER A 118 16.61 -2.02 -0.39
C SER A 118 17.83 -2.79 0.06
N ASN A 119 17.62 -3.99 0.61
CA ASN A 119 18.71 -4.93 0.83
C ASN A 119 19.01 -5.75 -0.42
N LEU A 120 18.09 -5.76 -1.40
CA LEU A 120 18.32 -6.47 -2.65
C LEU A 120 18.23 -5.56 -3.87
N ILE A 121 18.92 -5.98 -4.94
CA ILE A 121 18.76 -5.40 -6.26
C ILE A 121 18.38 -6.52 -7.21
N VAL A 122 17.46 -6.25 -8.15
CA VAL A 122 17.16 -7.17 -9.25
C VAL A 122 17.63 -6.55 -10.56
N SER A 123 18.19 -7.38 -11.45
CA SER A 123 18.66 -6.94 -12.76
C SER A 123 18.15 -7.88 -13.85
N GLY A 124 18.05 -7.34 -15.05
CA GLY A 124 17.75 -8.13 -16.23
C GLY A 124 18.70 -7.74 -17.34
N SER A 125 19.01 -8.71 -18.21
CA SER A 125 20.13 -8.56 -19.13
C SER A 125 19.79 -9.12 -20.50
N PHE A 126 20.54 -8.63 -21.50
CA PHE A 126 20.56 -9.23 -22.82
C PHE A 126 20.97 -10.70 -22.76
N ASP A 127 21.64 -11.12 -21.68
CA ASP A 127 21.98 -12.52 -21.53
C ASP A 127 20.79 -13.40 -21.15
N GLU A 128 19.59 -12.84 -21.07
CA GLU A 128 18.31 -13.56 -20.91
C GLU A 128 18.09 -14.02 -19.48
N SER A 129 18.92 -13.61 -18.54
CA SER A 129 18.78 -13.96 -17.14
C SER A 129 18.28 -12.78 -16.32
N VAL A 130 17.71 -13.11 -15.16
CA VAL A 130 17.41 -12.16 -14.11
C VAL A 130 18.35 -12.51 -12.95
N ARG A 131 18.99 -11.50 -12.36
CA ARG A 131 19.83 -11.76 -11.20
C ARG A 131 19.34 -10.98 -9.97
N ILE A 132 19.52 -11.59 -8.80
CA ILE A 132 19.16 -11.03 -7.51
C ILE A 132 20.45 -10.90 -6.72
N TRP A 133 20.73 -9.66 -6.27
CA TRP A 133 22.01 -9.27 -5.68
C TRP A 133 21.79 -8.79 -4.26
N ASP A 134 22.76 -9.11 -3.40
CA ASP A 134 22.82 -8.56 -2.05
C ASP A 134 23.53 -7.19 -2.08
N VAL A 135 22.83 -6.15 -1.60
CA VAL A 135 23.37 -4.79 -1.67
C VAL A 135 24.60 -4.66 -0.78
N LYS A 136 24.56 -5.31 0.37
CA LYS A 136 25.64 -5.19 1.34
C LYS A 136 26.95 -5.80 0.87
N THR A 137 26.88 -7.01 0.35
CA THR A 137 28.08 -7.70 -0.08
C THR A 137 28.41 -7.42 -1.53
N GLY A 138 27.45 -6.92 -2.31
CA GLY A 138 27.66 -6.72 -3.73
C GLY A 138 27.81 -8.00 -4.51
N LYS A 139 27.36 -9.13 -3.96
CA LYS A 139 27.47 -10.42 -4.61
C LYS A 139 26.12 -10.91 -5.10
N CYS A 140 26.15 -11.72 -6.15
CA CYS A 140 24.93 -12.27 -6.69
C CYS A 140 24.43 -13.39 -5.77
N LEU A 141 23.16 -13.30 -5.39
CA LEU A 141 22.52 -14.35 -4.60
C LEU A 141 21.86 -15.40 -5.47
N LYS A 142 21.19 -14.99 -6.54
CA LYS A 142 20.48 -15.94 -7.40
C LYS A 142 20.60 -15.53 -8.86
N THR A 143 20.68 -16.53 -9.75
CA THR A 143 20.57 -16.30 -11.18
C THR A 143 19.38 -17.13 -11.68
N LEU A 144 18.39 -16.45 -12.24
CA LEU A 144 17.18 -17.07 -12.73
C LEU A 144 17.27 -17.19 -14.24
N PRO A 145 17.15 -18.40 -14.79
CA PRO A 145 17.12 -18.56 -16.25
C PRO A 145 15.75 -18.12 -16.77
N ALA A 146 15.54 -16.81 -16.77
CA ALA A 146 14.19 -16.26 -16.75
C ALA A 146 13.49 -16.31 -18.11
N HIS A 147 14.25 -16.12 -19.20
CA HIS A 147 13.65 -15.86 -20.50
C HIS A 147 14.54 -16.45 -21.60
N SER A 148 14.04 -16.38 -22.84
CA SER A 148 14.80 -16.93 -23.97
C SER A 148 15.16 -15.84 -24.96
N ASP A 149 15.12 -14.60 -24.51
CA ASP A 149 15.50 -13.42 -25.27
C ASP A 149 15.83 -12.34 -24.25
N PRO A 150 16.35 -11.18 -24.67
CA PRO A 150 16.75 -10.18 -23.68
C PRO A 150 15.61 -9.79 -22.74
N VAL A 151 15.98 -9.54 -21.48
CA VAL A 151 15.05 -9.12 -20.45
C VAL A 151 14.93 -7.61 -20.49
N SER A 152 13.70 -7.11 -20.63
CA SER A 152 13.46 -5.68 -20.81
C SER A 152 13.09 -4.92 -19.54
N ALA A 153 12.54 -5.59 -18.52
CA ALA A 153 12.19 -4.89 -17.30
C ALA A 153 12.14 -5.89 -16.14
N VAL A 154 12.44 -5.40 -14.92
CA VAL A 154 12.33 -6.17 -13.69
C VAL A 154 11.82 -5.23 -12.60
N HIS A 155 10.91 -5.72 -11.76
CA HIS A 155 10.27 -4.85 -10.76
C HIS A 155 9.82 -5.70 -9.58
N PHE A 156 10.07 -5.21 -8.37
CA PHE A 156 9.59 -5.82 -7.14
C PHE A 156 8.21 -5.26 -6.77
N ASN A 157 7.38 -6.09 -6.15
CA ASN A 157 6.17 -5.55 -5.55
C ASN A 157 6.50 -4.91 -4.20
N ARG A 158 5.48 -4.42 -3.50
CA ARG A 158 5.74 -3.50 -2.40
C ARG A 158 6.28 -4.17 -1.13
N ASP A 159 6.07 -5.47 -0.94
CA ASP A 159 6.71 -6.19 0.17
C ASP A 159 7.96 -6.93 -0.29
N GLY A 160 8.34 -6.76 -1.55
CA GLY A 160 9.53 -7.39 -2.09
C GLY A 160 9.42 -8.89 -2.25
N SER A 161 8.25 -9.49 -2.02
CA SER A 161 8.14 -10.93 -2.12
C SER A 161 8.08 -11.43 -3.57
N LEU A 162 7.78 -10.55 -4.52
CA LEU A 162 7.64 -10.95 -5.91
C LEU A 162 8.47 -10.04 -6.80
N ILE A 163 8.98 -10.63 -7.88
CA ILE A 163 9.61 -9.90 -8.98
C ILE A 163 8.76 -10.16 -10.21
N VAL A 164 8.53 -9.13 -11.03
CA VAL A 164 7.94 -9.34 -12.35
C VAL A 164 9.01 -9.00 -13.39
N SER A 165 9.12 -9.86 -14.40
CA SER A 165 10.06 -9.65 -15.48
C SER A 165 9.32 -9.71 -16.82
N SER A 166 9.87 -9.00 -17.80
CA SER A 166 9.38 -9.04 -19.16
C SER A 166 10.54 -9.24 -20.13
N SER A 167 10.19 -9.73 -21.31
CA SER A 167 11.25 -10.05 -22.26
C SER A 167 10.75 -9.93 -23.68
N TYR A 168 11.71 -9.69 -24.60
CA TYR A 168 11.43 -9.80 -26.03
C TYR A 168 10.93 -11.17 -26.44
N ASP A 169 11.11 -12.20 -25.61
CA ASP A 169 10.53 -13.51 -25.93
C ASP A 169 9.02 -13.51 -25.88
N GLY A 170 8.39 -12.40 -25.46
CA GLY A 170 6.94 -12.25 -25.45
C GLY A 170 6.27 -12.64 -24.15
N LEU A 171 7.04 -12.97 -23.12
CA LEU A 171 6.50 -13.42 -21.84
C LEU A 171 6.64 -12.37 -20.76
N CYS A 172 5.67 -12.36 -19.85
CA CYS A 172 5.84 -11.77 -18.54
CA CYS A 172 5.92 -11.74 -18.49
C CYS A 172 5.85 -12.88 -17.52
N ARG A 173 6.75 -12.80 -16.55
CA ARG A 173 6.81 -13.86 -15.55
C ARG A 173 6.86 -13.27 -14.15
N ILE A 174 6.19 -13.94 -13.21
CA ILE A 174 6.18 -13.58 -11.80
C ILE A 174 7.03 -14.60 -11.08
N TRP A 175 8.04 -14.10 -10.32
CA TRP A 175 9.02 -14.90 -9.59
C TRP A 175 8.91 -14.67 -8.10
N ASP A 176 9.04 -15.75 -7.34
CA ASP A 176 9.14 -15.67 -5.90
C ASP A 176 10.55 -15.27 -5.51
N THR A 177 10.68 -14.10 -4.86
CA THR A 177 12.01 -13.59 -4.53
C THR A 177 12.82 -14.57 -3.69
N ALA A 178 12.20 -15.18 -2.68
CA ALA A 178 12.96 -15.92 -1.68
C ALA A 178 13.56 -17.19 -2.26
N SER A 179 12.83 -17.85 -3.17
CA SER A 179 13.30 -19.10 -3.77
C SER A 179 13.80 -18.96 -5.19
N GLY A 180 13.46 -17.88 -5.89
CA GLY A 180 13.80 -17.79 -7.29
C GLY A 180 12.91 -18.57 -8.24
N GLN A 181 11.93 -19.33 -7.74
CA GLN A 181 11.11 -20.14 -8.62
C GLN A 181 9.97 -19.34 -9.23
N CYS A 182 9.52 -19.79 -10.40
CA CYS A 182 8.51 -19.04 -11.13
C CYS A 182 7.15 -19.34 -10.55
N LEU A 183 6.39 -18.29 -10.29
N LEU A 183 6.38 -18.29 -10.28
CA LEU A 183 5.02 -18.41 -9.81
CA LEU A 183 5.01 -18.43 -9.82
C LEU A 183 4.02 -18.41 -10.96
C LEU A 183 4.02 -18.43 -10.97
N LYS A 184 4.28 -17.62 -12.00
CA LYS A 184 3.30 -17.49 -13.07
C LYS A 184 4.01 -17.07 -14.35
N THR A 185 3.49 -17.54 -15.48
CA THR A 185 3.87 -17.02 -16.80
C THR A 185 2.62 -16.48 -17.47
N LEU A 186 2.67 -15.22 -17.91
CA LEU A 186 1.59 -14.60 -18.67
C LEU A 186 1.97 -14.47 -20.14
N ILE A 187 1.10 -15.00 -20.99
CA ILE A 187 1.27 -15.01 -22.44
C ILE A 187 0.09 -14.30 -23.13
N ASP A 190 -1.13 -13.86 -29.49
CA ASP A 190 0.21 -13.92 -30.04
C ASP A 190 1.23 -13.71 -28.92
N ASN A 191 2.47 -13.49 -29.29
CA ASN A 191 3.56 -13.28 -28.33
C ASN A 191 4.43 -12.09 -28.76
N PRO A 192 3.84 -10.89 -28.89
CA PRO A 192 4.66 -9.75 -29.27
C PRO A 192 5.68 -9.46 -28.18
N PRO A 193 6.84 -8.91 -28.55
CA PRO A 193 7.86 -8.61 -27.53
C PRO A 193 7.30 -7.71 -26.44
N VAL A 194 7.61 -8.05 -25.20
CA VAL A 194 7.20 -7.25 -24.05
C VAL A 194 8.38 -6.36 -23.68
N SER A 195 8.18 -5.06 -23.77
CA SER A 195 9.25 -4.08 -23.63
C SER A 195 9.30 -3.40 -22.28
N PHE A 196 8.27 -3.56 -21.44
CA PHE A 196 8.26 -2.97 -20.11
C PHE A 196 7.19 -3.66 -19.31
N VAL A 197 7.43 -3.82 -18.01
CA VAL A 197 6.39 -4.26 -17.08
C VAL A 197 6.69 -3.67 -15.71
N LYS A 198 5.63 -3.43 -14.92
CA LYS A 198 5.78 -3.14 -13.50
C LYS A 198 4.48 -3.47 -12.77
N PHE A 199 4.58 -3.68 -11.46
CA PHE A 199 3.40 -3.84 -10.63
C PHE A 199 2.67 -2.50 -10.45
N SER A 200 1.37 -2.59 -10.27
CA SER A 200 0.54 -1.43 -10.01
C SER A 200 0.64 -1.02 -8.54
N PRO A 201 0.20 0.21 -8.22
CA PRO A 201 0.28 0.67 -6.82
C PRO A 201 -0.43 -0.23 -5.81
N ASN A 202 -1.56 -0.84 -6.16
CA ASN A 202 -2.29 -1.70 -5.21
C ASN A 202 -1.80 -3.15 -5.23
N GLY A 203 -0.80 -3.46 -6.05
CA GLY A 203 -0.18 -4.76 -6.04
C GLY A 203 -0.90 -5.81 -6.83
N LYS A 204 -2.09 -5.51 -7.36
N LYS A 204 -2.09 -5.51 -7.36
CA LYS A 204 -2.95 -6.51 -8.00
CA LYS A 204 -2.96 -6.48 -8.00
C LYS A 204 -2.71 -6.64 -9.50
C LYS A 204 -2.71 -6.64 -9.50
N TYR A 205 -2.18 -5.62 -10.16
CA TYR A 205 -2.05 -5.61 -11.61
C TYR A 205 -0.60 -5.49 -12.01
N ILE A 206 -0.34 -5.86 -13.26
CA ILE A 206 0.90 -5.48 -13.92
C ILE A 206 0.54 -4.65 -15.15
N LEU A 207 1.32 -3.60 -15.37
CA LEU A 207 1.21 -2.74 -16.57
C LEU A 207 2.33 -3.15 -17.51
N ALA A 208 1.95 -3.63 -18.68
CA ALA A 208 2.90 -4.22 -19.64
C ALA A 208 2.82 -3.52 -20.99
N ALA A 209 3.99 -3.13 -21.50
CA ALA A 209 4.07 -2.54 -22.82
C ALA A 209 4.52 -3.63 -23.79
N THR A 210 3.88 -3.69 -24.96
CA THR A 210 4.35 -4.57 -26.02
C THR A 210 4.66 -3.75 -27.27
N LEU A 211 5.57 -4.30 -28.11
CA LEU A 211 6.10 -3.59 -29.27
C LEU A 211 5.15 -3.65 -30.46
N ASP A 212 3.87 -3.53 -30.14
CA ASP A 212 2.78 -3.39 -31.10
C ASP A 212 1.94 -2.17 -30.71
N ASN A 213 2.59 -1.14 -30.16
CA ASN A 213 1.95 0.14 -29.85
C ASN A 213 0.83 -0.01 -28.83
N THR A 214 1.03 -0.88 -27.84
CA THR A 214 -0.02 -1.23 -26.91
C THR A 214 0.49 -1.27 -25.49
N LEU A 215 -0.26 -0.67 -24.57
CA LEU A 215 -0.07 -0.84 -23.13
C LEU A 215 -1.27 -1.58 -22.58
N LYS A 216 -1.03 -2.51 -21.66
N LYS A 216 -1.03 -2.52 -21.67
CA LYS A 216 -2.11 -3.29 -21.08
CA LYS A 216 -2.13 -3.30 -21.09
C LYS A 216 -1.97 -3.38 -19.57
C LYS A 216 -1.98 -3.45 -19.59
N LEU A 217 -3.10 -3.32 -18.88
CA LEU A 217 -3.16 -3.48 -17.44
C LEU A 217 -3.85 -4.82 -17.18
N TRP A 218 -3.08 -5.75 -16.61
CA TRP A 218 -3.45 -7.15 -16.42
C TRP A 218 -3.66 -7.46 -14.94
N ASP A 219 -4.77 -8.11 -14.62
CA ASP A 219 -4.89 -8.79 -13.33
C ASP A 219 -4.11 -10.09 -13.43
N TYR A 220 -2.93 -10.15 -12.80
CA TYR A 220 -2.05 -11.27 -13.11
C TYR A 220 -2.49 -12.55 -12.44
N SER A 221 -3.11 -12.44 -11.26
CA SER A 221 -3.64 -13.63 -10.60
C SER A 221 -4.77 -14.27 -11.41
N LYS A 222 -5.58 -13.46 -12.09
N LYS A 222 -5.56 -13.46 -12.10
CA LYS A 222 -6.65 -13.99 -12.93
CA LYS A 222 -6.65 -13.98 -12.92
C LYS A 222 -6.21 -14.23 -14.37
C LYS A 222 -6.26 -14.17 -14.38
N GLY A 223 -5.14 -13.60 -14.82
CA GLY A 223 -4.78 -13.68 -16.23
C GLY A 223 -5.79 -12.97 -17.11
N LYS A 224 -6.32 -11.84 -16.65
N LYS A 224 -6.31 -11.83 -16.67
CA LYS A 224 -7.34 -11.09 -17.38
CA LYS A 224 -7.35 -11.09 -17.37
C LYS A 224 -6.83 -9.67 -17.63
C LYS A 224 -6.87 -9.68 -17.62
N CYS A 225 -7.05 -9.19 -18.84
CA CYS A 225 -6.69 -7.82 -19.20
C CYS A 225 -7.85 -6.89 -18.83
N LEU A 226 -7.58 -5.96 -17.92
CA LEU A 226 -8.58 -5.03 -17.41
C LEU A 226 -8.65 -3.76 -18.24
N LYS A 227 -7.50 -3.27 -18.72
CA LYS A 227 -7.50 -2.04 -19.49
C LYS A 227 -6.42 -2.12 -20.56
N THR A 228 -6.63 -1.38 -21.66
CA THR A 228 -5.71 -1.27 -22.78
C THR A 228 -5.60 0.19 -23.18
N TYR A 229 -4.37 0.64 -23.44
CA TYR A 229 -4.08 2.03 -23.80
C TYR A 229 -3.35 2.05 -25.13
N THR A 230 -3.93 2.79 -26.10
CA THR A 230 -3.34 2.87 -27.42
C THR A 230 -3.41 4.31 -27.93
N GLY A 231 -2.81 4.53 -29.10
CA GLY A 231 -2.75 5.85 -29.71
C GLY A 231 -1.36 6.41 -29.84
N HIS A 232 -0.40 5.87 -29.10
CA HIS A 232 0.99 6.24 -29.16
C HIS A 232 1.74 5.30 -30.12
N LYS A 233 3.03 5.53 -30.27
N LYS A 233 3.03 5.54 -30.30
CA LYS A 233 3.86 4.77 -31.19
CA LYS A 233 3.86 4.76 -31.20
C LYS A 233 4.94 4.06 -30.37
C LYS A 233 4.94 4.06 -30.38
N ASN A 234 4.94 2.73 -30.42
CA ASN A 234 5.97 1.98 -29.71
C ASN A 234 6.15 0.62 -30.38
N GLU A 235 7.09 0.55 -31.34
CA GLU A 235 7.43 -0.67 -32.07
C GLU A 235 8.90 -1.06 -31.95
N LYS A 236 9.72 -0.23 -31.31
CA LYS A 236 11.15 -0.49 -31.38
C LYS A 236 11.85 -0.41 -30.04
N TYR A 237 11.53 0.59 -29.22
CA TYR A 237 12.35 0.87 -28.06
C TYR A 237 11.65 0.40 -26.80
N CYS A 238 12.44 0.14 -25.77
CA CYS A 238 11.85 -0.20 -24.48
C CYS A 238 11.55 1.11 -23.77
N ILE A 239 10.28 1.49 -23.77
CA ILE A 239 9.81 2.76 -23.26
C ILE A 239 9.05 2.51 -21.96
N PHE A 240 9.48 3.15 -20.89
CA PHE A 240 8.83 2.99 -19.60
C PHE A 240 7.38 3.49 -19.63
N ALA A 241 6.56 2.96 -18.74
CA ALA A 241 5.24 3.52 -18.48
C ALA A 241 5.08 3.71 -16.97
N ASN A 242 4.18 4.61 -16.60
CA ASN A 242 4.06 5.02 -15.21
C ASN A 242 2.59 5.09 -14.83
N PHE A 243 2.34 4.86 -13.55
CA PHE A 243 1.12 5.25 -12.87
C PHE A 243 1.33 6.61 -12.23
N SER A 244 0.44 7.57 -12.49
CA SER A 244 0.52 8.89 -11.86
C SER A 244 -0.43 8.86 -10.66
N VAL A 245 0.14 8.91 -9.45
CA VAL A 245 -0.59 8.61 -8.23
C VAL A 245 -0.84 9.82 -7.37
N THR A 246 -0.44 11.02 -7.80
CA THR A 246 -0.45 12.21 -6.97
C THR A 246 -1.71 13.06 -7.14
N GLY A 247 -2.23 13.15 -8.36
CA GLY A 247 -3.45 13.89 -8.62
C GLY A 247 -4.47 12.98 -9.27
N GLY A 248 -4.90 13.31 -10.49
CA GLY A 248 -5.81 12.44 -11.23
C GLY A 248 -5.16 11.10 -11.54
N LYS A 249 -6.01 10.09 -11.74
CA LYS A 249 -5.49 8.75 -12.01
C LYS A 249 -5.13 8.61 -13.48
N TRP A 250 -3.84 8.74 -13.79
CA TRP A 250 -3.36 8.70 -15.16
C TRP A 250 -2.34 7.59 -15.37
N ILE A 251 -2.25 7.18 -16.62
CA ILE A 251 -1.16 6.37 -17.13
C ILE A 251 -0.31 7.25 -18.02
N VAL A 252 1.03 7.13 -17.90
CA VAL A 252 1.96 8.01 -18.61
C VAL A 252 2.95 7.16 -19.38
N SER A 253 3.26 7.56 -20.62
CA SER A 253 4.28 6.87 -21.40
C SER A 253 4.93 7.82 -22.39
N GLY A 254 6.20 7.58 -22.69
CA GLY A 254 6.81 8.15 -23.87
C GLY A 254 6.34 7.46 -25.13
N SER A 255 6.87 7.92 -26.26
CA SER A 255 6.39 7.40 -27.53
C SER A 255 7.40 7.73 -28.61
N GLU A 256 7.40 6.92 -29.66
CA GLU A 256 8.32 7.10 -30.77
C GLU A 256 7.92 8.23 -31.73
N ASP A 257 6.80 8.92 -31.51
CA ASP A 257 6.48 10.12 -32.25
C ASP A 257 6.86 11.40 -31.48
N ASN A 258 7.73 11.28 -30.48
CA ASN A 258 8.37 12.39 -29.77
C ASN A 258 7.44 13.05 -28.77
N LEU A 259 6.31 12.45 -28.44
CA LEU A 259 5.35 13.02 -27.50
C LEU A 259 5.32 12.21 -26.20
N VAL A 260 4.91 12.89 -25.12
CA VAL A 260 4.51 12.19 -23.90
C VAL A 260 3.00 11.98 -23.97
N TYR A 261 2.54 10.75 -23.77
CA TYR A 261 1.12 10.43 -23.74
C TYR A 261 0.66 10.25 -22.30
N ILE A 262 -0.52 10.79 -22.01
CA ILE A 262 -1.19 10.62 -20.73
C ILE A 262 -2.60 10.18 -21.02
N TRP A 263 -3.02 9.06 -20.38
CA TRP A 263 -4.35 8.49 -20.50
C TRP A 263 -5.08 8.51 -19.15
N ASN A 264 -6.40 8.56 -19.25
CA ASN A 264 -7.30 8.27 -18.13
C ASN A 264 -7.24 6.78 -17.79
N LEU A 265 -6.84 6.46 -16.55
CA LEU A 265 -6.70 5.08 -16.12
C LEU A 265 -7.94 4.25 -16.44
N GLN A 266 -9.13 4.78 -16.12
CA GLN A 266 -10.33 3.95 -16.21
C GLN A 266 -11.01 4.03 -17.57
N THR A 267 -11.06 5.22 -18.21
CA THR A 267 -11.73 5.31 -19.50
C THR A 267 -10.82 4.96 -20.67
N LYS A 268 -9.51 4.94 -20.46
CA LYS A 268 -8.50 4.63 -21.46
C LYS A 268 -8.35 5.71 -22.53
N GLU A 269 -9.02 6.85 -22.37
N GLU A 269 -9.04 6.84 -22.39
CA GLU A 269 -8.91 7.93 -23.33
CA GLU A 269 -8.88 7.87 -23.38
C GLU A 269 -7.62 8.69 -23.11
C GLU A 269 -7.61 8.66 -23.13
N ILE A 270 -6.99 9.11 -24.21
CA ILE A 270 -5.90 10.06 -24.11
C ILE A 270 -6.43 11.37 -23.56
N VAL A 271 -5.81 11.87 -22.51
CA VAL A 271 -6.21 13.14 -21.91
C VAL A 271 -5.20 14.23 -22.18
N GLN A 272 -3.94 13.90 -22.46
CA GLN A 272 -3.01 14.96 -22.85
C GLN A 272 -1.86 14.34 -23.65
N LYS A 273 -1.32 15.14 -24.58
CA LYS A 273 -0.08 14.80 -25.29
C LYS A 273 0.85 15.99 -25.12
N LEU A 274 2.05 15.75 -24.62
CA LEU A 274 3.01 16.80 -24.31
C LEU A 274 4.06 16.89 -25.40
N GLN A 275 4.12 18.06 -26.01
CA GLN A 275 4.99 18.34 -27.16
C GLN A 275 6.16 19.18 -26.82
N GLY A 276 7.31 18.82 -27.34
CA GLY A 276 8.51 19.59 -27.13
C GLY A 276 9.78 18.88 -27.47
N HIS A 277 9.82 17.60 -27.20
CA HIS A 277 10.99 16.83 -27.53
C HIS A 277 11.14 16.69 -29.04
N THR A 278 12.38 16.46 -29.48
CA THR A 278 12.66 16.37 -30.92
C THR A 278 13.23 15.01 -31.29
N ASP A 279 13.02 14.02 -30.45
CA ASP A 279 13.36 12.63 -30.74
C ASP A 279 12.44 11.79 -29.85
N VAL A 280 12.51 10.47 -30.06
CA VAL A 280 11.76 9.50 -29.27
C VAL A 280 11.85 9.82 -27.78
N VAL A 281 10.71 9.86 -27.12
CA VAL A 281 10.70 9.99 -25.66
C VAL A 281 10.80 8.57 -25.10
N ILE A 282 11.99 8.24 -24.61
CA ILE A 282 12.30 6.88 -24.20
C ILE A 282 11.91 6.63 -22.77
N SER A 283 11.80 7.68 -21.96
CA SER A 283 11.58 7.43 -20.55
C SER A 283 10.79 8.59 -19.97
N THR A 284 9.89 8.24 -19.06
CA THR A 284 9.13 9.21 -18.30
C THR A 284 9.14 8.73 -16.86
N ALA A 285 8.98 9.69 -15.94
CA ALA A 285 8.86 9.40 -14.52
C ALA A 285 7.90 10.40 -13.91
N CYS A 286 7.19 9.97 -12.86
CA CYS A 286 6.17 10.76 -12.19
C CYS A 286 6.65 11.01 -10.76
N HIS A 287 6.64 12.28 -10.33
CA HIS A 287 7.18 12.64 -9.03
C HIS A 287 6.34 11.97 -7.93
N PRO A 288 6.95 11.58 -6.80
CA PRO A 288 6.19 10.75 -5.84
C PRO A 288 5.12 11.51 -5.07
N THR A 289 5.16 12.84 -5.01
CA THR A 289 4.16 13.56 -4.22
C THR A 289 3.54 14.73 -4.95
N GLU A 290 4.23 15.32 -5.93
CA GLU A 290 3.73 16.45 -6.69
C GLU A 290 3.36 16.02 -8.11
N ASN A 291 2.50 16.81 -8.74
CA ASN A 291 2.08 16.58 -10.12
C ASN A 291 3.15 17.12 -11.07
N ILE A 292 4.25 16.37 -11.14
CA ILE A 292 5.41 16.70 -11.96
C ILE A 292 5.77 15.45 -12.78
N ILE A 293 6.01 15.64 -14.07
CA ILE A 293 6.50 14.59 -14.96
C ILE A 293 7.88 14.98 -15.48
N ALA A 294 8.83 14.03 -15.45
CA ALA A 294 10.09 14.14 -16.19
C ALA A 294 10.01 13.27 -17.43
N SER A 295 10.52 13.79 -18.55
CA SER A 295 10.61 13.01 -19.77
C SER A 295 12.01 13.16 -20.35
N ALA A 296 12.44 12.16 -21.11
CA ALA A 296 13.78 12.18 -21.65
C ALA A 296 13.79 11.59 -23.05
N ALA A 297 14.68 12.09 -23.90
CA ALA A 297 14.66 11.72 -25.31
C ALA A 297 15.99 11.20 -25.83
N LEU A 298 15.91 10.63 -27.05
CA LEU A 298 17.05 10.01 -27.71
C LEU A 298 17.96 11.07 -28.32
N GLU A 299 18.90 10.65 -29.17
CA GLU A 299 20.13 11.41 -29.32
C GLU A 299 20.02 12.63 -30.23
N ASN A 300 18.92 12.79 -30.98
N ASN A 300 18.94 12.79 -30.99
CA ASN A 300 18.68 14.05 -31.67
CA ASN A 300 18.74 14.07 -31.66
C ASN A 300 18.28 15.16 -30.70
C ASN A 300 18.37 15.17 -30.67
N ASP A 301 17.84 14.79 -29.50
CA ASP A 301 17.38 15.73 -28.50
C ASP A 301 18.33 15.76 -27.30
N LYS A 302 18.48 14.64 -26.59
CA LYS A 302 19.41 14.48 -25.48
C LYS A 302 19.07 15.30 -24.25
N THR A 303 17.90 15.91 -24.19
CA THR A 303 17.51 16.68 -23.02
C THR A 303 16.44 15.95 -22.21
N ILE A 304 16.31 16.41 -20.97
CA ILE A 304 15.25 16.00 -20.06
C ILE A 304 14.33 17.21 -19.92
N LYS A 305 13.02 16.97 -19.87
CA LYS A 305 12.06 18.05 -19.68
C LYS A 305 11.22 17.80 -18.44
N LEU A 306 10.97 18.86 -17.68
CA LEU A 306 10.14 18.80 -16.48
C LEU A 306 8.85 19.55 -16.75
N TRP A 307 7.73 18.88 -16.52
CA TRP A 307 6.40 19.38 -16.81
C TRP A 307 5.61 19.39 -15.52
N LYS A 308 4.72 20.36 -15.35
CA LYS A 308 3.98 20.49 -14.11
C LYS A 308 2.51 20.76 -14.41
N SER A 309 1.63 20.15 -13.62
CA SER A 309 0.18 20.21 -13.75
C SER A 309 -0.42 20.75 -12.46
N ASP A 310 -1.58 21.40 -12.58
CA ASP A 310 -2.29 21.83 -11.39
C ASP A 310 -3.14 20.72 -10.77
N CYS A 311 -3.19 19.57 -11.41
CA CYS A 311 -4.02 18.47 -10.95
C CYS A 311 -3.58 17.14 -11.56
N THR B 1 18.55 -21.90 -3.02
CA THR B 1 18.59 -21.54 -1.61
C THR B 1 17.32 -20.79 -1.17
N GLN B 2 16.51 -21.44 -0.34
CA GLN B 2 15.32 -20.84 0.23
C GLN B 2 15.51 -20.74 1.74
N SER B 3 15.34 -19.53 2.28
CA SER B 3 15.55 -19.37 3.71
C SER B 3 14.55 -18.36 4.27
N LYS B 4 14.36 -18.41 5.59
CA LYS B 4 13.51 -17.43 6.23
C LYS B 4 14.26 -16.09 6.31
N PRO B 5 13.59 -14.99 5.99
CA PRO B 5 14.27 -13.68 6.04
C PRO B 5 14.68 -13.35 7.47
N THR B 6 15.78 -12.62 7.59
CA THR B 6 16.18 -12.14 8.90
C THR B 6 15.20 -11.05 9.32
N PRO B 7 14.58 -11.15 10.50
CA PRO B 7 13.62 -10.12 10.91
C PRO B 7 14.33 -8.77 11.06
N VAL B 8 13.63 -7.70 10.67
CA VAL B 8 14.15 -6.36 10.85
C VAL B 8 13.03 -5.46 11.34
N LYS B 9 13.42 -4.45 12.12
CA LYS B 9 12.50 -3.47 12.67
C LYS B 9 11.75 -2.78 11.53
N PRO B 10 10.51 -2.37 11.76
CA PRO B 10 9.79 -1.59 10.75
C PRO B 10 10.32 -0.17 10.70
N ASN B 11 9.95 0.54 9.64
CA ASN B 11 10.35 1.93 9.46
C ASN B 11 9.15 2.74 8.98
N TYR B 12 8.04 2.66 9.74
CA TYR B 12 6.84 3.41 9.39
C TYR B 12 7.14 4.91 9.36
N ALA B 13 6.77 5.55 8.25
CA ALA B 13 6.93 6.98 8.03
C ALA B 13 5.58 7.57 7.64
N LEU B 14 5.29 8.77 8.13
CA LEU B 14 4.03 9.42 7.83
C LEU B 14 3.97 9.76 6.34
N LYS B 15 2.86 9.42 5.70
CA LYS B 15 2.65 9.73 4.29
C LYS B 15 1.49 10.67 4.06
N PHE B 16 0.40 10.52 4.82
CA PHE B 16 -0.77 11.35 4.56
C PHE B 16 -1.48 11.67 5.86
N THR B 17 -2.08 12.86 5.92
CA THR B 17 -2.96 13.22 7.01
C THR B 17 -4.33 13.53 6.41
N LEU B 18 -5.35 12.84 6.89
CA LEU B 18 -6.70 12.86 6.33
C LEU B 18 -7.58 13.72 7.24
N ALA B 19 -7.93 14.90 6.79
CA ALA B 19 -8.77 15.84 7.51
C ALA B 19 -10.18 15.86 6.93
N GLY B 20 -11.13 16.19 7.79
CA GLY B 20 -12.50 16.32 7.36
C GLY B 20 -13.51 16.07 8.47
N HIS B 21 -13.22 15.11 9.36
CA HIS B 21 -14.14 14.95 10.49
C HIS B 21 -14.09 16.19 11.37
N THR B 22 -15.21 16.46 12.05
CA THR B 22 -15.32 17.69 12.83
C THR B 22 -15.42 17.42 14.32
N LYS B 23 -15.37 16.15 14.72
CA LYS B 23 -15.25 15.75 16.13
C LYS B 23 -14.24 14.60 16.18
N ALA B 24 -14.06 14.03 17.37
CA ALA B 24 -13.14 12.92 17.54
C ALA B 24 -13.40 11.83 16.50
N VAL B 25 -12.33 11.27 15.96
CA VAL B 25 -12.46 10.04 15.21
C VAL B 25 -12.57 8.90 16.22
N SER B 26 -13.41 7.90 15.93
CA SER B 26 -13.60 6.81 16.87
C SER B 26 -13.04 5.47 16.38
N SER B 27 -12.94 5.26 15.06
N SER B 27 -12.96 5.27 15.07
CA SER B 27 -12.51 3.97 14.55
CA SER B 27 -12.44 4.02 14.55
C SER B 27 -12.10 4.11 13.08
C SER B 27 -11.96 4.25 13.12
N VAL B 28 -10.99 3.44 12.73
CA VAL B 28 -10.56 3.33 11.34
C VAL B 28 -10.42 1.85 11.02
N LYS B 29 -10.83 1.46 9.82
CA LYS B 29 -10.77 0.07 9.38
C LYS B 29 -10.43 0.01 7.90
N PHE B 30 -9.48 -0.85 7.53
CA PHE B 30 -9.21 -1.11 6.11
C PHE B 30 -10.17 -2.15 5.55
N SER B 31 -10.61 -1.92 4.31
CA SER B 31 -11.47 -2.90 3.67
C SER B 31 -10.67 -4.17 3.40
N PRO B 32 -11.32 -5.34 3.45
CA PRO B 32 -10.58 -6.59 3.25
C PRO B 32 -9.88 -6.67 1.91
N ASN B 33 -10.38 -5.98 0.88
CA ASN B 33 -9.73 -6.04 -0.44
C ASN B 33 -8.61 -5.02 -0.57
N GLY B 34 -8.31 -4.31 0.52
CA GLY B 34 -7.21 -3.39 0.61
C GLY B 34 -7.39 -2.06 -0.09
N GLU B 35 -8.55 -1.83 -0.72
CA GLU B 35 -8.68 -0.61 -1.54
C GLU B 35 -9.04 0.60 -0.73
N TRP B 36 -9.67 0.44 0.41
CA TRP B 36 -10.31 1.56 1.08
C TRP B 36 -10.01 1.58 2.56
N LEU B 37 -10.09 2.78 3.12
CA LEU B 37 -10.13 3.01 4.56
C LEU B 37 -11.48 3.62 4.91
N ALA B 38 -12.15 3.06 5.91
CA ALA B 38 -13.35 3.68 6.48
C ALA B 38 -13.03 4.26 7.83
N SER B 39 -13.62 5.41 8.13
CA SER B 39 -13.46 6.01 9.44
C SER B 39 -14.84 6.41 9.96
N SER B 40 -14.97 6.37 11.27
CA SER B 40 -16.21 6.81 11.91
C SER B 40 -15.88 7.89 12.93
N SER B 41 -16.87 8.71 13.26
CA SER B 41 -16.54 9.78 14.20
C SER B 41 -17.75 10.18 15.07
N ALA B 42 -17.42 10.84 16.17
CA ALA B 42 -18.44 11.47 17.01
C ALA B 42 -19.26 12.51 16.23
N ASP B 43 -18.78 12.97 15.07
CA ASP B 43 -19.53 13.89 14.23
C ASP B 43 -20.66 13.23 13.43
N LYS B 44 -20.98 11.97 13.73
CA LYS B 44 -22.12 11.21 13.20
C LYS B 44 -21.82 10.73 11.79
N LEU B 45 -20.61 10.93 11.29
CA LEU B 45 -20.31 10.61 9.91
C LEU B 45 -19.35 9.44 9.76
N ILE B 46 -19.50 8.74 8.63
CA ILE B 46 -18.54 7.76 8.15
C ILE B 46 -17.87 8.40 6.94
N LYS B 47 -16.56 8.28 6.87
CA LYS B 47 -15.86 8.73 5.66
C LYS B 47 -15.07 7.59 5.06
N ILE B 48 -15.02 7.57 3.73
CA ILE B 48 -14.26 6.57 2.97
C ILE B 48 -13.13 7.29 2.28
N TRP B 49 -11.93 6.68 2.33
CA TRP B 49 -10.70 7.23 1.79
C TRP B 49 -9.96 6.13 1.02
N GLY B 50 -9.18 6.53 0.02
CA GLY B 50 -8.27 5.60 -0.61
C GLY B 50 -7.23 5.05 0.36
N ALA B 51 -7.06 3.71 0.39
CA ALA B 51 -6.13 3.12 1.33
C ALA B 51 -4.66 3.40 1.02
N TYR B 52 -4.30 3.56 -0.25
CA TYR B 52 -2.92 3.75 -0.62
C TYR B 52 -2.51 5.20 -0.72
N ASP B 53 -3.47 6.11 -0.95
CA ASP B 53 -3.17 7.50 -1.21
C ASP B 53 -3.91 8.47 -0.30
N GLY B 54 -4.73 8.00 0.64
CA GLY B 54 -5.46 8.88 1.54
C GLY B 54 -6.54 9.72 0.88
N LYS B 55 -6.82 9.52 -0.41
CA LYS B 55 -7.68 10.46 -1.10
C LYS B 55 -9.14 10.28 -0.66
N PHE B 56 -9.74 11.38 -0.26
CA PHE B 56 -11.13 11.35 0.13
C PHE B 56 -12.00 10.81 -0.98
N GLU B 57 -12.89 9.88 -0.64
CA GLU B 57 -13.81 9.29 -1.59
C GLU B 57 -15.24 9.70 -1.33
N LYS B 58 -15.73 9.53 -0.11
CA LYS B 58 -17.13 9.94 0.13
C LYS B 58 -17.44 10.01 1.62
N THR B 59 -18.53 10.70 1.93
CA THR B 59 -19.12 10.74 3.27
C THR B 59 -20.45 9.99 3.26
N ILE B 60 -20.66 9.18 4.29
CA ILE B 60 -21.85 8.38 4.45
C ILE B 60 -22.53 8.87 5.73
N SER B 61 -23.79 9.29 5.62
N SER B 61 -23.78 9.30 5.61
CA SER B 61 -24.47 9.95 6.73
CA SER B 61 -24.51 9.98 6.67
C SER B 61 -25.86 9.37 6.94
C SER B 61 -25.83 9.28 6.96
N GLY B 62 -26.34 9.51 8.17
CA GLY B 62 -27.65 9.01 8.53
C GLY B 62 -27.84 8.78 10.02
N HIS B 63 -26.80 8.38 10.74
CA HIS B 63 -26.95 8.29 12.19
C HIS B 63 -27.33 9.63 12.80
N LYS B 64 -28.09 9.58 13.88
CA LYS B 64 -28.59 10.78 14.53
C LYS B 64 -27.68 11.27 15.65
N LEU B 65 -26.72 10.45 16.07
CA LEU B 65 -25.74 10.80 17.08
C LEU B 65 -24.40 10.17 16.70
N GLY B 66 -23.40 10.40 17.53
CA GLY B 66 -22.04 9.96 17.22
C GLY B 66 -21.94 8.46 16.98
N ILE B 67 -20.88 8.09 16.25
CA ILE B 67 -20.57 6.71 15.91
C ILE B 67 -19.30 6.29 16.63
N SER B 68 -19.32 5.10 17.24
CA SER B 68 -18.17 4.56 17.97
C SER B 68 -17.34 3.58 17.17
N ASP B 69 -17.93 2.92 16.17
CA ASP B 69 -17.25 1.79 15.52
C ASP B 69 -17.89 1.57 14.17
N VAL B 70 -17.10 1.09 13.22
CA VAL B 70 -17.55 0.70 11.88
C VAL B 70 -16.78 -0.56 11.50
N ALA B 71 -17.42 -1.43 10.70
CA ALA B 71 -16.77 -2.69 10.33
C ALA B 71 -17.19 -3.08 8.90
N TRP B 72 -16.29 -3.74 8.19
CA TRP B 72 -16.49 -4.12 6.79
C TRP B 72 -17.02 -5.54 6.65
N SER B 73 -17.84 -5.77 5.64
CA SER B 73 -18.21 -7.13 5.28
C SER B 73 -17.03 -7.79 4.53
N SER B 74 -17.06 -9.13 4.45
CA SER B 74 -15.90 -9.81 3.89
C SER B 74 -15.66 -9.48 2.43
N ASP B 75 -16.72 -9.13 1.68
CA ASP B 75 -16.56 -8.81 0.27
C ASP B 75 -16.29 -7.32 0.04
N SER B 76 -16.07 -6.56 1.11
CA SER B 76 -15.79 -5.12 1.07
C SER B 76 -16.94 -4.30 0.49
N ASN B 77 -18.15 -4.87 0.36
CA ASN B 77 -19.26 -4.11 -0.21
C ASN B 77 -20.15 -3.43 0.83
N LEU B 78 -20.15 -3.91 2.08
CA LEU B 78 -21.02 -3.39 3.12
C LEU B 78 -20.21 -2.89 4.30
N LEU B 79 -20.78 -1.94 5.01
CA LEU B 79 -20.26 -1.51 6.30
C LEU B 79 -21.36 -1.66 7.32
N VAL B 80 -21.00 -1.94 8.56
CA VAL B 80 -21.92 -1.75 9.67
C VAL B 80 -21.33 -0.73 10.63
N SER B 81 -22.19 0.13 11.18
CA SER B 81 -21.74 1.12 12.15
C SER B 81 -22.57 1.02 13.42
N ALA B 82 -21.95 1.40 14.53
CA ALA B 82 -22.54 1.33 15.87
C ALA B 82 -22.59 2.73 16.44
N SER B 83 -23.77 3.18 16.91
CA SER B 83 -23.93 4.60 17.22
C SER B 83 -24.53 4.81 18.61
N ASP B 84 -24.26 6.01 19.13
CA ASP B 84 -24.93 6.48 20.33
C ASP B 84 -26.44 6.63 20.16
N ASP B 85 -26.97 6.58 18.94
CA ASP B 85 -28.42 6.69 18.75
C ASP B 85 -29.10 5.36 19.02
N LYS B 86 -28.35 4.40 19.55
CA LYS B 86 -28.78 3.08 20.03
C LYS B 86 -29.05 2.12 18.88
N THR B 87 -28.68 2.47 17.66
CA THR B 87 -28.83 1.59 16.52
C THR B 87 -27.49 1.20 15.90
N LEU B 88 -27.56 0.13 15.12
CA LEU B 88 -26.55 -0.10 14.11
C LEU B 88 -27.15 0.17 12.74
N LYS B 89 -26.32 0.58 11.79
CA LYS B 89 -26.78 0.69 10.41
C LYS B 89 -25.89 -0.13 9.50
N ILE B 90 -26.52 -0.79 8.53
CA ILE B 90 -25.83 -1.49 7.46
C ILE B 90 -25.86 -0.61 6.24
N TRP B 91 -24.70 -0.43 5.60
CA TRP B 91 -24.51 0.53 4.52
C TRP B 91 -23.99 -0.16 3.28
N ASP B 92 -24.59 0.18 2.14
CA ASP B 92 -23.99 -0.13 0.86
C ASP B 92 -22.93 0.93 0.57
N VAL B 93 -21.66 0.52 0.53
CA VAL B 93 -20.57 1.48 0.42
C VAL B 93 -20.56 2.15 -0.94
N SER B 94 -20.90 1.41 -2.00
CA SER B 94 -20.84 1.98 -3.34
C SER B 94 -21.90 3.07 -3.54
N SER B 95 -23.07 2.90 -2.94
CA SER B 95 -24.13 3.88 -3.08
C SER B 95 -24.20 4.87 -1.92
N GLY B 96 -23.57 4.53 -0.79
CA GLY B 96 -23.69 5.30 0.43
C GLY B 96 -25.01 5.18 1.15
N LYS B 97 -25.91 4.28 0.69
CA LYS B 97 -27.25 4.20 1.24
C LYS B 97 -27.30 3.32 2.49
N CYS B 98 -28.18 3.68 3.40
CA CYS B 98 -28.44 2.83 4.54
C CYS B 98 -29.41 1.73 4.12
N LEU B 99 -28.95 0.48 4.19
CA LEU B 99 -29.80 -0.66 3.79
C LEU B 99 -30.74 -1.10 4.91
N LYS B 100 -30.25 -1.13 6.14
CA LYS B 100 -31.06 -1.53 7.27
C LYS B 100 -30.59 -0.79 8.50
N THR B 101 -31.54 -0.55 9.41
CA THR B 101 -31.24 -0.05 10.74
C THR B 101 -31.60 -1.15 11.74
N LEU B 102 -30.61 -1.53 12.56
CA LEU B 102 -30.71 -2.62 13.53
C LEU B 102 -31.08 -2.00 14.87
N LYS B 103 -32.31 -2.23 15.26
CA LYS B 103 -32.87 -1.70 16.49
C LYS B 103 -33.11 -2.75 17.53
N GLY B 104 -32.73 -2.41 18.74
CA GLY B 104 -32.88 -3.34 19.85
C GLY B 104 -32.18 -2.95 21.12
N HIS B 105 -30.97 -2.47 20.98
CA HIS B 105 -30.19 -2.05 22.12
C HIS B 105 -30.93 -0.88 22.82
N SER B 106 -30.77 -0.78 24.13
CA SER B 106 -31.45 0.24 24.92
C SER B 106 -30.51 1.37 25.35
N ASN B 107 -29.28 1.35 24.88
CA ASN B 107 -28.35 2.43 25.13
C ASN B 107 -27.33 2.43 24.00
N TYR B 108 -26.28 3.25 24.15
CA TYR B 108 -25.28 3.41 23.10
C TYR B 108 -24.77 2.07 22.60
N VAL B 109 -24.61 1.95 21.29
CA VAL B 109 -23.92 0.78 20.72
C VAL B 109 -22.45 1.16 20.55
N PHE B 110 -21.56 0.35 21.11
CA PHE B 110 -20.15 0.70 21.20
C PHE B 110 -19.29 -0.04 20.21
N CYS B 111 -19.68 -1.23 19.79
CA CYS B 111 -18.75 -2.04 19.01
C CYS B 111 -19.54 -2.95 18.09
N CYS B 112 -18.93 -3.33 16.96
CA CYS B 112 -19.64 -4.18 16.02
C CYS B 112 -18.68 -4.91 15.11
N ASN B 113 -19.18 -6.01 14.54
CA ASN B 113 -18.39 -6.77 13.57
C ASN B 113 -19.31 -7.69 12.77
N PHE B 114 -18.92 -7.95 11.52
CA PHE B 114 -19.52 -9.04 10.75
C PHE B 114 -18.81 -10.34 11.10
N ASN B 115 -19.52 -11.47 10.91
CA ASN B 115 -18.77 -12.71 10.92
C ASN B 115 -18.11 -12.90 9.55
N PRO B 116 -17.12 -13.78 9.46
CA PRO B 116 -16.42 -13.95 8.17
C PRO B 116 -17.35 -14.28 7.01
N GLN B 117 -18.38 -15.10 7.24
CA GLN B 117 -19.35 -15.38 6.20
C GLN B 117 -20.16 -14.15 5.85
N SER B 118 -20.29 -13.23 6.82
CA SER B 118 -20.94 -11.94 6.69
C SER B 118 -22.45 -12.05 6.50
N ASN B 119 -23.03 -13.18 6.93
CA ASN B 119 -24.47 -13.28 7.11
C ASN B 119 -24.91 -12.80 8.48
N LEU B 120 -23.99 -12.65 9.44
CA LEU B 120 -24.34 -12.18 10.78
C LEU B 120 -23.55 -10.92 11.15
N ILE B 121 -24.12 -10.13 12.05
CA ILE B 121 -23.42 -9.04 12.72
C ILE B 121 -23.50 -9.26 14.22
N VAL B 122 -22.42 -8.96 14.94
CA VAL B 122 -22.44 -8.95 16.40
C VAL B 122 -22.22 -7.53 16.89
N SER B 123 -22.92 -7.15 17.96
CA SER B 123 -22.79 -5.81 18.53
C SER B 123 -22.68 -5.89 20.03
N GLY B 124 -22.06 -4.87 20.61
CA GLY B 124 -21.99 -4.73 22.05
C GLY B 124 -22.39 -3.32 22.42
N SER B 125 -22.97 -3.17 23.62
CA SER B 125 -23.58 -1.91 23.97
C SER B 125 -23.31 -1.54 25.42
N PHE B 126 -23.45 -0.24 25.70
CA PHE B 126 -23.56 0.28 27.04
C PHE B 126 -24.67 -0.42 27.83
N ASP B 127 -25.67 -0.99 27.15
CA ASP B 127 -26.75 -1.69 27.87
C ASP B 127 -26.31 -3.03 28.43
N GLU B 128 -25.04 -3.39 28.26
CA GLU B 128 -24.38 -4.54 28.87
C GLU B 128 -24.72 -5.85 28.16
N SER B 129 -25.38 -5.79 27.00
CA SER B 129 -25.71 -6.97 26.23
C SER B 129 -24.84 -7.07 24.99
N VAL B 130 -24.77 -8.28 24.47
CA VAL B 130 -24.24 -8.55 23.14
C VAL B 130 -25.41 -9.00 22.29
N ARG B 131 -25.50 -8.52 21.07
CA ARG B 131 -26.60 -8.97 20.20
C ARG B 131 -26.05 -9.52 18.91
N ILE B 132 -26.75 -10.53 18.37
CA ILE B 132 -26.43 -11.19 17.11
C ILE B 132 -27.58 -10.93 16.17
N TRP B 133 -27.26 -10.40 14.98
CA TRP B 133 -28.23 -9.91 14.01
C TRP B 133 -28.07 -10.63 12.68
N ASP B 134 -29.20 -10.85 12.02
CA ASP B 134 -29.20 -11.37 10.66
C ASP B 134 -29.06 -10.20 9.68
N VAL B 135 -28.07 -10.30 8.79
CA VAL B 135 -27.79 -9.19 7.87
C VAL B 135 -28.92 -9.02 6.87
N LYS B 136 -29.47 -10.13 6.38
CA LYS B 136 -30.43 -10.07 5.29
C LYS B 136 -31.78 -9.55 5.76
N THR B 137 -32.24 -9.99 6.92
CA THR B 137 -33.51 -9.49 7.46
C THR B 137 -33.34 -8.26 8.32
N GLY B 138 -32.14 -8.03 8.87
CA GLY B 138 -31.94 -6.92 9.77
C GLY B 138 -32.59 -7.08 11.12
N LYS B 139 -32.99 -8.30 11.47
CA LYS B 139 -33.63 -8.56 12.74
C LYS B 139 -32.61 -9.13 13.73
N CYS B 140 -32.89 -8.92 15.00
CA CYS B 140 -32.02 -9.46 16.04
C CYS B 140 -32.35 -10.94 16.23
N LEU B 141 -31.32 -11.78 16.14
CA LEU B 141 -31.49 -13.21 16.37
C LEU B 141 -31.33 -13.57 17.82
N LYS B 142 -30.35 -12.97 18.50
CA LYS B 142 -30.15 -13.39 19.89
C LYS B 142 -29.66 -12.19 20.68
N THR B 143 -30.11 -12.11 21.94
CA THR B 143 -29.62 -11.14 22.91
C THR B 143 -28.96 -11.91 24.03
N LEU B 144 -27.67 -11.64 24.26
CA LEU B 144 -26.89 -12.35 25.25
C LEU B 144 -26.68 -11.41 26.43
N PRO B 145 -27.12 -11.80 27.64
CA PRO B 145 -26.87 -10.96 28.82
C PRO B 145 -25.41 -11.09 29.22
N ALA B 146 -24.54 -10.48 28.42
CA ALA B 146 -23.16 -10.95 28.40
C ALA B 146 -22.33 -10.46 29.58
N HIS B 147 -22.64 -9.27 30.12
CA HIS B 147 -21.74 -8.59 31.03
C HIS B 147 -22.54 -7.79 32.02
N SER B 148 -21.86 -7.23 33.03
CA SER B 148 -22.53 -6.43 34.05
C SER B 148 -22.06 -4.96 34.03
N ASP B 149 -21.51 -4.54 32.91
CA ASP B 149 -21.07 -3.17 32.64
C ASP B 149 -20.95 -3.04 31.12
N PRO B 150 -20.70 -1.84 30.58
CA PRO B 150 -20.69 -1.70 29.13
C PRO B 150 -19.76 -2.68 28.43
N VAL B 151 -20.19 -3.13 27.25
CA VAL B 151 -19.41 -4.04 26.41
C VAL B 151 -18.51 -3.21 25.50
N SER B 152 -17.20 -3.45 25.59
CA SER B 152 -16.19 -2.62 24.91
C SER B 152 -15.76 -3.17 23.57
N ALA B 153 -15.90 -4.48 23.36
CA ALA B 153 -15.47 -5.11 22.10
C ALA B 153 -16.23 -6.41 21.88
N VAL B 154 -16.46 -6.74 20.60
CA VAL B 154 -17.04 -8.00 20.14
C VAL B 154 -16.33 -8.43 18.86
N HIS B 155 -16.00 -9.72 18.73
CA HIS B 155 -15.26 -10.21 17.57
C HIS B 155 -15.58 -11.68 17.32
N PHE B 156 -15.80 -12.05 16.05
CA PHE B 156 -15.94 -13.45 15.66
C PHE B 156 -14.59 -14.11 15.38
N ASN B 157 -14.55 -15.43 15.53
CA ASN B 157 -13.38 -16.17 15.10
C ASN B 157 -13.54 -16.56 13.62
N ARG B 158 -12.57 -17.30 13.08
CA ARG B 158 -12.44 -17.45 11.63
C ARG B 158 -13.60 -18.22 11.01
N ASP B 159 -14.11 -19.22 11.71
CA ASP B 159 -15.22 -19.97 11.17
C ASP B 159 -16.56 -19.44 11.66
N GLY B 160 -16.55 -18.31 12.39
CA GLY B 160 -17.76 -17.71 12.91
C GLY B 160 -18.42 -18.48 14.02
N SER B 161 -17.79 -19.56 14.50
CA SER B 161 -18.40 -20.39 15.53
C SER B 161 -18.30 -19.77 16.92
N LEU B 162 -17.37 -18.83 17.15
CA LEU B 162 -17.18 -18.23 18.46
C LEU B 162 -17.25 -16.71 18.37
N ILE B 163 -17.73 -16.11 19.46
CA ILE B 163 -17.70 -14.66 19.67
C ILE B 163 -16.88 -14.41 20.92
N VAL B 164 -15.93 -13.49 20.87
CA VAL B 164 -15.28 -13.04 22.09
C VAL B 164 -15.79 -11.64 22.43
N SER B 165 -16.07 -11.40 23.71
CA SER B 165 -16.59 -10.13 24.20
C SER B 165 -15.77 -9.69 25.41
N SER B 166 -15.70 -8.36 25.59
CA SER B 166 -14.98 -7.77 26.70
C SER B 166 -15.82 -6.66 27.30
N SER B 167 -15.56 -6.35 28.57
CA SER B 167 -16.39 -5.39 29.28
C SER B 167 -15.57 -4.65 30.33
N TYR B 168 -16.05 -3.44 30.65
CA TYR B 168 -15.58 -2.75 31.85
C TYR B 168 -15.85 -3.53 33.13
N ASP B 169 -16.67 -4.60 33.09
CA ASP B 169 -16.81 -5.42 34.29
C ASP B 169 -15.57 -6.26 34.59
N GLY B 170 -14.55 -6.20 33.74
CA GLY B 170 -13.29 -6.90 33.98
C GLY B 170 -13.20 -8.27 33.34
N LEU B 171 -14.23 -8.68 32.61
CA LEU B 171 -14.31 -10.03 32.09
C LEU B 171 -14.11 -10.07 30.59
N CYS B 172 -13.49 -11.14 30.14
CA CYS B 172 -13.51 -11.55 28.75
CA CYS B 172 -13.53 -11.54 28.74
C CYS B 172 -14.28 -12.85 28.66
N ARG B 173 -15.25 -12.92 27.78
CA ARG B 173 -16.05 -14.14 27.68
C ARG B 173 -16.10 -14.61 26.24
N ILE B 174 -16.18 -15.94 26.07
CA ILE B 174 -16.29 -16.57 24.77
C ILE B 174 -17.63 -17.26 24.69
N TRP B 175 -18.34 -16.99 23.60
CA TRP B 175 -19.71 -17.38 23.36
C TRP B 175 -19.79 -18.29 22.16
N ASP B 176 -20.66 -19.30 22.25
CA ASP B 176 -21.00 -20.13 21.11
C ASP B 176 -22.02 -19.41 20.25
N THR B 177 -21.62 -19.07 19.01
CA THR B 177 -22.48 -18.25 18.17
C THR B 177 -23.84 -18.91 17.97
N ALA B 178 -23.86 -20.23 17.74
CA ALA B 178 -25.09 -20.89 17.32
C ALA B 178 -26.12 -20.93 18.44
N SER B 179 -25.69 -21.12 19.68
CA SER B 179 -26.64 -21.20 20.78
C SER B 179 -26.69 -19.95 21.64
N GLY B 180 -25.71 -19.06 21.53
CA GLY B 180 -25.61 -17.90 22.41
C GLY B 180 -25.13 -18.23 23.81
N GLN B 181 -24.81 -19.49 24.10
CA GLN B 181 -24.40 -19.85 25.46
C GLN B 181 -22.91 -19.63 25.67
N CYS B 182 -22.55 -19.33 26.90
CA CYS B 182 -21.15 -19.03 27.19
C CYS B 182 -20.32 -20.31 27.25
N LEU B 183 -19.17 -20.29 26.57
CA LEU B 183 -18.23 -21.40 26.58
C LEU B 183 -17.15 -21.22 27.64
N LYS B 184 -16.69 -19.99 27.82
CA LYS B 184 -15.61 -19.80 28.79
C LYS B 184 -15.56 -18.35 29.25
N THR B 185 -15.06 -18.13 30.47
CA THR B 185 -14.75 -16.81 31.00
C THR B 185 -13.25 -16.76 31.32
N LEU B 186 -12.56 -15.71 30.84
CA LEU B 186 -11.24 -15.37 31.34
C LEU B 186 -11.31 -14.10 32.23
N ASN B 191 -9.15 -7.71 38.29
CA ASN B 191 -10.26 -7.37 37.41
C ASN B 191 -10.27 -5.91 36.93
N PRO B 192 -9.20 -5.47 36.26
CA PRO B 192 -9.23 -4.15 35.63
C PRO B 192 -10.17 -4.18 34.43
N PRO B 193 -10.82 -3.05 34.11
CA PRO B 193 -11.71 -3.04 32.94
C PRO B 193 -10.99 -3.58 31.71
N VAL B 194 -11.68 -4.45 30.96
CA VAL B 194 -11.18 -4.94 29.68
C VAL B 194 -11.76 -4.04 28.60
N SER B 195 -10.87 -3.33 27.90
CA SER B 195 -11.28 -2.26 27.01
C SER B 195 -11.28 -2.69 25.55
N PHE B 196 -10.72 -3.85 25.24
CA PHE B 196 -10.69 -4.33 23.86
C PHE B 196 -10.29 -5.80 23.84
N VAL B 197 -10.88 -6.58 22.93
CA VAL B 197 -10.46 -7.95 22.66
C VAL B 197 -10.65 -8.28 21.18
N LYS B 198 -9.82 -9.19 20.67
CA LYS B 198 -10.08 -9.77 19.36
C LYS B 198 -9.30 -11.08 19.21
N PHE B 199 -9.84 -11.97 18.38
CA PHE B 199 -9.12 -13.20 18.06
C PHE B 199 -7.92 -12.90 17.18
N SER B 200 -6.87 -13.71 17.35
CA SER B 200 -5.71 -13.66 16.47
C SER B 200 -6.06 -14.20 15.09
N PRO B 201 -5.20 -13.96 14.09
CA PRO B 201 -5.52 -14.40 12.73
C PRO B 201 -5.84 -15.89 12.60
N ASN B 202 -5.12 -16.76 13.29
CA ASN B 202 -5.39 -18.18 13.19
C ASN B 202 -6.48 -18.66 14.14
N GLY B 203 -7.02 -17.76 14.98
CA GLY B 203 -8.13 -18.07 15.86
C GLY B 203 -7.78 -18.71 17.18
N LYS B 204 -6.51 -18.99 17.43
CA LYS B 204 -6.13 -19.71 18.64
C LYS B 204 -5.79 -18.81 19.83
N TYR B 205 -5.53 -17.53 19.59
CA TYR B 205 -5.19 -16.59 20.66
C TYR B 205 -6.21 -15.47 20.73
N ILE B 206 -6.24 -14.77 21.86
CA ILE B 206 -7.05 -13.58 22.03
C ILE B 206 -6.17 -12.47 22.54
N LEU B 207 -6.20 -11.31 21.86
CA LEU B 207 -5.45 -10.14 22.26
C LEU B 207 -6.40 -9.26 23.06
N ALA B 208 -6.02 -8.90 24.28
CA ALA B 208 -6.91 -8.22 25.22
C ALA B 208 -6.22 -7.02 25.83
N ALA B 209 -6.89 -5.88 25.84
CA ALA B 209 -6.37 -4.66 26.44
C ALA B 209 -7.09 -4.43 27.75
N THR B 210 -6.36 -3.96 28.75
CA THR B 210 -6.98 -3.62 30.02
C THR B 210 -6.59 -2.21 30.41
N LEU B 211 -7.46 -1.53 31.17
CA LEU B 211 -7.22 -0.11 31.48
C LEU B 211 -6.19 0.08 32.59
N ASP B 212 -5.15 -0.72 32.55
CA ASP B 212 -3.99 -0.56 33.41
C ASP B 212 -2.74 -0.53 32.54
N ASN B 213 -2.86 0.07 31.35
CA ASN B 213 -1.72 0.28 30.45
C ASN B 213 -1.13 -1.03 29.97
N THR B 214 -1.95 -2.05 29.76
CA THR B 214 -1.42 -3.38 29.48
C THR B 214 -2.19 -4.06 28.37
N LEU B 215 -1.46 -4.69 27.43
CA LEU B 215 -2.03 -5.62 26.47
C LEU B 215 -1.57 -7.03 26.80
N LYS B 216 -2.42 -8.03 26.55
CA LYS B 216 -2.05 -9.42 26.82
C LYS B 216 -2.48 -10.31 25.68
N LEU B 217 -1.62 -11.27 25.32
CA LEU B 217 -1.97 -12.32 24.38
C LEU B 217 -2.24 -13.59 25.17
N TRP B 218 -3.47 -14.10 25.03
CA TRP B 218 -3.99 -15.23 25.77
C TRP B 218 -4.16 -16.43 24.84
N ASP B 219 -3.76 -17.60 25.33
CA ASP B 219 -4.12 -18.85 24.68
C ASP B 219 -5.56 -19.18 25.04
N TYR B 220 -6.44 -19.20 24.03
CA TYR B 220 -7.85 -19.42 24.30
C TYR B 220 -8.08 -20.81 24.86
N SER B 221 -7.50 -21.82 24.21
CA SER B 221 -7.72 -23.22 24.62
C SER B 221 -7.26 -23.46 26.05
N LYS B 222 -6.08 -22.93 26.42
CA LYS B 222 -5.53 -23.20 27.74
C LYS B 222 -5.94 -22.15 28.77
N GLY B 223 -6.54 -21.05 28.36
CA GLY B 223 -6.93 -20.01 29.27
C GLY B 223 -5.79 -19.35 30.02
N LYS B 224 -4.62 -19.21 29.39
CA LYS B 224 -3.43 -18.69 30.05
C LYS B 224 -2.80 -17.56 29.24
N CYS B 225 -2.13 -16.66 29.93
CA CYS B 225 -1.51 -15.51 29.29
C CYS B 225 -0.12 -15.91 28.78
N LEU B 226 0.10 -15.71 27.48
CA LEU B 226 1.38 -16.07 26.87
C LEU B 226 2.31 -14.88 26.71
N LYS B 227 1.76 -13.69 26.49
CA LYS B 227 2.60 -12.52 26.30
C LYS B 227 1.94 -11.29 26.92
N THR B 228 2.78 -10.34 27.37
CA THR B 228 2.33 -9.07 27.94
C THR B 228 3.08 -7.91 27.29
N TYR B 229 2.36 -6.91 26.83
CA TYR B 229 2.94 -5.76 26.15
C TYR B 229 2.63 -4.50 26.96
N THR B 230 3.68 -3.76 27.33
CA THR B 230 3.55 -2.53 28.10
C THR B 230 4.44 -1.47 27.48
N GLY B 231 4.28 -0.25 27.98
CA GLY B 231 5.03 0.90 27.51
C GLY B 231 4.14 2.03 27.04
N HIS B 232 2.94 1.71 26.56
CA HIS B 232 1.90 2.65 26.14
C HIS B 232 1.08 3.11 27.34
N LYS B 233 0.22 4.08 27.11
CA LYS B 233 -0.63 4.67 28.13
C LYS B 233 -2.08 4.33 27.81
N ASN B 234 -2.74 3.62 28.72
CA ASN B 234 -4.14 3.23 28.46
C ASN B 234 -4.83 3.01 29.80
N GLU B 235 -5.42 4.08 30.34
N GLU B 235 -5.42 4.08 30.32
CA GLU B 235 -6.18 3.97 31.58
CA GLU B 235 -6.15 4.03 31.58
C GLU B 235 -7.58 4.56 31.46
C GLU B 235 -7.59 4.52 31.45
N LYS B 236 -8.02 4.97 30.27
CA LYS B 236 -9.33 5.60 30.15
C LYS B 236 -10.15 5.11 28.97
N TYR B 237 -9.55 5.06 27.78
CA TYR B 237 -10.30 4.89 26.55
C TYR B 237 -10.21 3.47 26.03
N CYS B 238 -11.23 3.07 25.30
CA CYS B 238 -11.20 1.76 24.63
C CYS B 238 -10.41 1.96 23.36
N ILE B 239 -9.15 1.53 23.37
CA ILE B 239 -8.23 1.71 22.27
C ILE B 239 -8.06 0.36 21.57
N PHE B 240 -8.25 0.34 20.26
CA PHE B 240 -8.08 -0.89 19.48
C PHE B 240 -6.63 -1.36 19.51
N ALA B 241 -6.45 -2.67 19.33
CA ALA B 241 -5.12 -3.22 19.07
C ALA B 241 -5.22 -4.14 17.87
N ASN B 242 -4.07 -4.36 17.21
CA ASN B 242 -4.05 -5.07 15.94
C ASN B 242 -2.89 -6.05 15.90
N PHE B 243 -3.09 -7.10 15.11
CA PHE B 243 -2.01 -7.96 14.64
C PHE B 243 -1.57 -7.46 13.28
N SER B 244 -0.27 -7.23 13.12
CA SER B 244 0.31 -6.84 11.84
C SER B 244 0.89 -8.08 11.19
N VAL B 245 0.31 -8.45 10.03
CA VAL B 245 0.54 -9.74 9.37
C VAL B 245 1.21 -9.60 8.00
N THR B 246 1.58 -8.39 7.58
CA THR B 246 2.08 -8.17 6.22
C THR B 246 3.60 -8.21 6.13
N GLY B 247 4.29 -7.79 7.19
CA GLY B 247 5.74 -7.95 7.24
C GLY B 247 6.15 -8.70 8.48
N GLY B 248 6.94 -8.05 9.34
CA GLY B 248 7.25 -8.67 10.62
C GLY B 248 6.01 -8.83 11.48
N LYS B 249 6.05 -9.81 12.38
CA LYS B 249 4.86 -10.09 13.18
C LYS B 249 4.77 -9.10 14.32
N TRP B 250 3.84 -8.14 14.21
CA TRP B 250 3.79 -7.07 15.23
C TRP B 250 2.45 -7.03 15.93
N ILE B 251 2.46 -6.48 17.14
CA ILE B 251 1.26 -5.95 17.80
C ILE B 251 1.29 -4.43 17.64
N VAL B 252 0.16 -3.83 17.28
CA VAL B 252 0.07 -2.38 17.05
C VAL B 252 -1.05 -1.82 17.91
N SER B 253 -0.81 -0.69 18.56
CA SER B 253 -1.89 -0.10 19.34
C SER B 253 -1.76 1.42 19.42
N GLY B 254 -2.89 2.08 19.56
CA GLY B 254 -2.86 3.49 19.94
C GLY B 254 -2.54 3.65 21.42
N SER B 255 -2.55 4.90 21.87
CA SER B 255 -2.06 5.22 23.21
C SER B 255 -2.53 6.61 23.63
N GLU B 256 -2.74 6.78 24.93
CA GLU B 256 -3.15 8.08 25.44
C GLU B 256 -2.00 9.08 25.52
N ASP B 257 -0.76 8.69 25.19
CA ASP B 257 0.32 9.65 25.07
C ASP B 257 0.48 10.14 23.63
N ASN B 258 -0.52 9.88 22.78
CA ASN B 258 -0.62 10.43 21.41
C ASN B 258 0.30 9.73 20.43
N LEU B 259 0.81 8.56 20.78
CA LEU B 259 1.71 7.80 19.93
C LEU B 259 1.05 6.51 19.44
N VAL B 260 1.55 5.98 18.32
CA VAL B 260 1.24 4.61 17.93
C VAL B 260 2.38 3.72 18.39
N TYR B 261 2.06 2.62 19.08
CA TYR B 261 3.07 1.70 19.58
C TYR B 261 3.09 0.43 18.72
N ILE B 262 4.29 -0.05 18.43
CA ILE B 262 4.51 -1.28 17.66
C ILE B 262 5.48 -2.14 18.45
N TRP B 263 5.03 -3.35 18.80
CA TRP B 263 5.80 -4.34 19.56
C TRP B 263 6.09 -5.55 18.70
N ASN B 264 7.25 -6.17 18.96
CA ASN B 264 7.54 -7.51 18.48
C ASN B 264 6.65 -8.51 19.21
N LEU B 265 5.83 -9.26 18.46
CA LEU B 265 4.89 -10.17 19.10
C LEU B 265 5.58 -11.16 20.06
N GLN B 266 6.73 -11.71 19.65
CA GLN B 266 7.36 -12.79 20.40
C GLN B 266 8.21 -12.26 21.55
N THR B 267 9.01 -11.22 21.29
CA THR B 267 9.94 -10.71 22.31
C THR B 267 9.32 -9.67 23.22
N LYS B 268 8.18 -9.09 22.85
CA LYS B 268 7.47 -8.05 23.60
C LYS B 268 8.20 -6.72 23.59
N GLU B 269 9.30 -6.59 22.85
CA GLU B 269 10.01 -5.33 22.78
C GLU B 269 9.28 -4.37 21.85
N ILE B 270 9.23 -3.11 22.26
CA ILE B 270 8.75 -2.03 21.39
C ILE B 270 9.74 -1.86 20.25
N VAL B 271 9.24 -1.98 19.02
CA VAL B 271 10.11 -1.79 17.87
C VAL B 271 9.92 -0.44 17.20
N GLN B 272 8.79 0.24 17.44
CA GLN B 272 8.67 1.59 16.90
C GLN B 272 7.54 2.33 17.60
N LYS B 273 7.67 3.66 17.65
CA LYS B 273 6.62 4.54 18.15
C LYS B 273 6.43 5.65 17.14
N LEU B 274 5.20 5.84 16.70
CA LEU B 274 4.91 6.77 15.62
C LEU B 274 4.38 8.06 16.23
N GLN B 275 5.08 9.17 15.97
CA GLN B 275 4.76 10.46 16.56
C GLN B 275 4.19 11.40 15.51
N GLY B 276 3.19 12.18 15.89
CA GLY B 276 2.59 13.12 14.95
C GLY B 276 1.23 13.61 15.42
N HIS B 277 0.43 12.70 15.94
CA HIS B 277 -0.89 13.07 16.42
C HIS B 277 -0.77 14.03 17.61
N THR B 278 -1.82 14.83 17.80
CA THR B 278 -1.86 15.84 18.86
C THR B 278 -2.97 15.57 19.87
N ASP B 279 -3.56 14.38 19.86
CA ASP B 279 -4.47 13.92 20.90
C ASP B 279 -4.33 12.41 21.00
N VAL B 280 -5.03 11.81 21.97
CA VAL B 280 -5.08 10.37 22.15
C VAL B 280 -5.31 9.65 20.83
N VAL B 281 -4.49 8.64 20.54
CA VAL B 281 -4.67 7.82 19.35
C VAL B 281 -5.62 6.71 19.77
N ILE B 282 -6.87 6.88 19.40
CA ILE B 282 -7.93 6.01 19.86
C ILE B 282 -8.05 4.77 18.99
N SER B 283 -7.58 4.83 17.75
CA SER B 283 -7.81 3.68 16.90
C SER B 283 -6.65 3.53 15.93
N THR B 284 -6.29 2.28 15.66
CA THR B 284 -5.34 1.94 14.62
C THR B 284 -5.87 0.77 13.81
N ALA B 285 -5.36 0.67 12.59
CA ALA B 285 -5.68 -0.44 11.69
C ALA B 285 -4.45 -0.76 10.85
N CYS B 286 -4.34 -2.02 10.49
CA CYS B 286 -3.25 -2.54 9.66
C CYS B 286 -3.78 -3.02 8.33
N HIS B 287 -3.17 -2.53 7.24
CA HIS B 287 -3.59 -2.89 5.90
C HIS B 287 -3.43 -4.38 5.66
N PRO B 288 -4.32 -5.02 4.88
CA PRO B 288 -4.27 -6.48 4.76
C PRO B 288 -3.14 -7.02 3.90
N THR B 289 -2.53 -6.24 3.02
CA THR B 289 -1.47 -6.77 2.17
C THR B 289 -0.19 -5.94 2.12
N GLU B 290 -0.25 -4.65 2.41
CA GLU B 290 0.90 -3.78 2.37
C GLU B 290 1.18 -3.28 3.79
N ASN B 291 2.44 -2.92 4.05
CA ASN B 291 2.84 -2.42 5.36
C ASN B 291 2.37 -0.97 5.49
N ILE B 292 1.08 -0.84 5.83
CA ILE B 292 0.42 0.46 5.99
C ILE B 292 -0.39 0.42 7.27
N ILE B 293 -0.18 1.42 8.12
CA ILE B 293 -0.96 1.62 9.34
C ILE B 293 -1.80 2.89 9.19
N ALA B 294 -3.07 2.81 9.57
CA ALA B 294 -3.92 3.98 9.78
C ALA B 294 -4.08 4.22 11.27
N SER B 295 -4.01 5.47 11.67
CA SER B 295 -4.22 5.85 13.06
C SER B 295 -5.18 7.03 13.12
N ALA B 296 -5.93 7.12 14.22
CA ALA B 296 -6.91 8.17 14.34
C ALA B 296 -6.97 8.63 15.78
N ALA B 297 -7.26 9.93 15.96
CA ALA B 297 -7.13 10.61 17.24
C ALA B 297 -8.38 11.38 17.64
N LEU B 298 -8.39 11.76 18.91
CA LEU B 298 -9.52 12.44 19.54
C LEU B 298 -9.59 13.92 19.14
N GLU B 299 -10.48 14.66 19.82
CA GLU B 299 -11.05 15.89 19.25
C GLU B 299 -10.06 17.06 19.13
N ASN B 300 -8.93 17.05 19.85
CA ASN B 300 -7.96 18.12 19.62
C ASN B 300 -7.24 17.98 18.28
N ASP B 301 -7.35 16.82 17.67
CA ASP B 301 -6.64 16.46 16.46
C ASP B 301 -7.62 16.21 15.33
N LYS B 302 -8.51 15.23 15.49
CA LYS B 302 -9.58 14.95 14.55
C LYS B 302 -9.09 14.46 13.19
N THR B 303 -7.84 14.06 13.07
CA THR B 303 -7.33 13.58 11.79
C THR B 303 -6.97 12.10 11.83
N ILE B 304 -6.88 11.53 10.63
CA ILE B 304 -6.40 10.17 10.41
C ILE B 304 -5.06 10.29 9.73
N LYS B 305 -4.11 9.48 10.16
CA LYS B 305 -2.81 9.47 9.50
C LYS B 305 -2.53 8.09 8.94
N LEU B 306 -1.91 8.09 7.74
CA LEU B 306 -1.46 6.89 7.06
C LEU B 306 0.06 6.86 7.08
N TRP B 307 0.61 5.75 7.55
CA TRP B 307 2.04 5.53 7.70
C TRP B 307 2.41 4.30 6.90
N LYS B 308 3.59 4.34 6.27
CA LYS B 308 4.05 3.25 5.42
C LYS B 308 5.45 2.83 5.82
N SER B 309 5.71 1.51 5.77
CA SER B 309 7.00 0.93 6.07
C SER B 309 7.44 0.01 4.93
N ASP B 310 8.73 -0.21 4.83
CA ASP B 310 9.22 -1.19 3.86
C ASP B 310 9.27 -2.61 4.45
N CYS B 311 9.06 -2.76 5.75
CA CYS B 311 9.17 -4.07 6.40
C CYS B 311 8.06 -4.32 7.39
#